data_4MSX
#
_entry.id   4MSX
#
_cell.length_a   139.315
_cell.length_b   139.315
_cell.length_c   86.737
_cell.angle_alpha   90.00
_cell.angle_beta   90.00
_cell.angle_gamma   90.00
#
_symmetry.space_group_name_H-M   'P 43 21 2'
#
loop_
_entity.id
_entity.type
_entity.pdbx_description
1 polymer 'Pre-mRNA-splicing factor SAD1'
2 non-polymer 'ZINC ION'
3 non-polymer 'ACETATE ION'
4 water water
#
_entity_poly.entity_id   1
_entity_poly.type   'polypeptide(L)'
_entity_poly.pdbx_seq_one_letter_code
;MGSSHHHHHHSSGLVPRGSHMASMTGGQQMGRDPMEVDNKRRHSEDELKQEAVKKIKSQEPNYAYLETVVREKLDFDSEK
ICCITLSPLNVYCCLVCGHYYQGRHEKSPAFIHSIDENHHVFLNLTSLKFYMLPQNVQILHDGEVQLLNSIKFAAYPTYC
PKDLEDFPRQCFDLSNRTYLNGFIGFTNAATYDYAHSVLLLISHMVPVRDHFLLNHFDNQGEFIKRLSICVKKIWSPKLF
KHHLSVDDFVSYLKVREGLNLNPIDPRLFLLWLFNKICSSSNDLKSILNHSCKGKVKIAKVENKPEASESVTGKVIVKPF
WVLTLDLPEFSPFEDGNSVDDLPQINITKLLTKFTKSRSSSTSTVFELTRLPQFLIFHFNRFDRNSDHPVKNRNQTLVEF
SSELEILHVKYRLKANVVHVVIKQPSTDGNAFNGDEKSHWITQLYDNKSEKWIEIDGINTTEREAELLFLKETFIQVWEK
QE
;
_entity_poly.pdbx_strand_id   A
#
# COMPACT_ATOMS: atom_id res chain seq x y z
N TYR A 63 20.99 25.41 -21.60
CA TYR A 63 20.02 24.34 -21.86
C TYR A 63 20.48 23.40 -22.97
N ALA A 64 21.63 23.66 -23.55
CA ALA A 64 22.12 22.79 -24.64
C ALA A 64 22.26 21.34 -24.16
N TYR A 65 22.54 21.18 -22.88
CA TYR A 65 22.83 19.83 -22.41
C TYR A 65 21.53 19.03 -22.14
N LEU A 66 20.37 19.70 -22.18
CA LEU A 66 19.13 18.99 -21.82
C LEU A 66 18.81 17.89 -22.80
N GLU A 67 19.24 18.02 -24.04
CA GLU A 67 19.08 16.92 -24.98
C GLU A 67 19.86 15.67 -24.58
N THR A 68 20.78 15.78 -23.60
CA THR A 68 21.53 14.57 -23.20
C THR A 68 20.78 13.73 -22.12
N VAL A 69 19.73 14.31 -21.56
CA VAL A 69 18.99 13.65 -20.46
C VAL A 69 18.28 12.42 -21.02
N VAL A 70 18.28 11.30 -20.28
CA VAL A 70 17.61 10.10 -20.76
C VAL A 70 16.59 9.64 -19.68
N ARG A 71 15.35 10.06 -19.82
CA ARG A 71 14.34 9.79 -18.79
C ARG A 71 14.17 8.30 -18.52
N GLU A 72 14.27 7.48 -19.56
CA GLU A 72 14.07 6.04 -19.42
C GLU A 72 15.07 5.43 -18.44
N LYS A 73 16.17 6.12 -18.12
CA LYS A 73 17.16 5.52 -17.24
C LYS A 73 16.92 5.97 -15.80
N LEU A 74 15.92 6.83 -15.59
CA LEU A 74 15.78 7.47 -14.27
C LEU A 74 14.78 6.68 -13.40
N ASP A 75 15.26 6.18 -12.26
CA ASP A 75 14.35 5.46 -11.30
C ASP A 75 14.60 6.08 -9.93
N PHE A 76 13.57 6.67 -9.34
CA PHE A 76 13.74 7.34 -8.06
C PHE A 76 13.21 6.50 -6.86
N ASP A 77 12.94 5.24 -7.12
CA ASP A 77 12.52 4.35 -6.05
C ASP A 77 13.71 3.69 -5.31
N SER A 78 14.93 3.92 -5.79
CA SER A 78 16.09 3.23 -5.24
C SER A 78 16.55 3.85 -3.92
N GLU A 79 17.34 3.10 -3.16
CA GLU A 79 17.94 3.61 -1.95
C GLU A 79 18.81 4.85 -2.39
N LYS A 80 18.67 5.93 -1.66
CA LYS A 80 19.30 7.19 -1.94
C LYS A 80 20.71 7.15 -1.35
N ILE A 81 21.58 6.37 -1.98
CA ILE A 81 22.99 6.41 -1.57
C ILE A 81 23.89 6.54 -2.80
N CYS A 82 25.04 7.15 -2.58
CA CYS A 82 26.08 7.30 -3.61
C CYS A 82 26.61 5.95 -4.02
N CYS A 83 26.59 5.60 -5.31
CA CYS A 83 27.05 4.28 -5.75
C CYS A 83 28.58 4.08 -5.68
N ILE A 84 29.32 5.14 -5.35
CA ILE A 84 30.79 5.07 -5.17
C ILE A 84 31.20 5.00 -3.70
N THR A 85 30.70 5.91 -2.87
CA THR A 85 31.07 5.95 -1.45
C THR A 85 30.02 5.28 -0.53
N LEU A 86 28.86 4.95 -1.09
CA LEU A 86 27.74 4.37 -0.32
C LEU A 86 27.25 5.34 0.72
N SER A 87 27.68 6.59 0.65
CA SER A 87 27.15 7.58 1.57
C SER A 87 25.72 7.98 1.18
N PRO A 88 24.86 8.27 2.18
CA PRO A 88 23.51 8.81 1.99
C PRO A 88 23.46 10.33 2.07
N LEU A 89 24.62 10.97 2.23
CA LEU A 89 24.66 12.41 2.35
CA LEU A 89 24.67 12.42 2.35
C LEU A 89 24.90 13.13 1.01
N ASN A 90 24.11 14.17 0.76
CA ASN A 90 24.19 14.98 -0.47
C ASN A 90 24.27 14.16 -1.75
N VAL A 91 23.26 13.33 -1.99
CA VAL A 91 23.32 12.42 -3.12
C VAL A 91 22.63 13.10 -4.32
N TYR A 92 23.21 12.91 -5.51
CA TYR A 92 22.67 13.50 -6.73
C TYR A 92 22.40 12.35 -7.68
N CYS A 93 21.41 12.54 -8.55
CA CYS A 93 21.17 11.58 -9.59
C CYS A 93 21.70 12.20 -10.88
N CYS A 94 22.54 11.43 -11.57
CA CYS A 94 22.97 11.75 -12.91
C CYS A 94 21.81 11.53 -13.87
N LEU A 95 21.45 12.56 -14.64
CA LEU A 95 20.20 12.49 -15.42
C LEU A 95 20.50 11.95 -16.79
N VAL A 96 21.78 11.65 -17.06
CA VAL A 96 22.11 10.92 -18.28
C VAL A 96 22.09 9.39 -18.11
N CYS A 97 22.75 8.87 -17.07
CA CYS A 97 22.84 7.42 -16.91
C CYS A 97 21.99 6.93 -15.73
N GLY A 98 21.53 7.84 -14.86
CA GLY A 98 20.61 7.45 -13.80
C GLY A 98 21.28 6.91 -12.54
N HIS A 99 22.61 6.80 -12.51
CA HIS A 99 23.26 6.40 -11.27
C HIS A 99 23.32 7.53 -10.28
N TYR A 100 23.47 7.18 -9.00
CA TYR A 100 23.51 8.21 -7.98
C TYR A 100 24.95 8.48 -7.53
N TYR A 101 25.27 9.73 -7.25
CA TYR A 101 26.63 10.11 -6.82
C TYR A 101 26.57 11.19 -5.77
N GLN A 102 27.39 11.07 -4.74
CA GLN A 102 27.51 12.17 -3.78
C GLN A 102 28.13 13.40 -4.50
N GLY A 103 27.64 14.62 -4.26
CA GLY A 103 28.14 15.80 -4.94
C GLY A 103 28.25 16.97 -3.97
N ARG A 104 28.56 18.18 -4.45
CA ARG A 104 28.85 18.42 -5.87
C ARG A 104 30.16 19.21 -6.03
N HIS A 105 30.91 19.36 -4.94
CA HIS A 105 32.22 20.04 -4.94
C HIS A 105 33.28 19.28 -5.77
N GLU A 106 34.39 19.95 -6.13
CA GLU A 106 35.44 19.23 -6.84
C GLU A 106 35.93 18.14 -5.98
N LYS A 107 36.40 17.05 -6.59
CA LYS A 107 36.80 15.86 -5.86
C LYS A 107 35.61 14.95 -5.42
N SER A 108 34.38 15.47 -5.42
CA SER A 108 33.20 14.60 -5.15
C SER A 108 32.95 13.58 -6.25
N PRO A 109 32.31 12.42 -5.92
CA PRO A 109 32.02 11.46 -7.00
C PRO A 109 31.18 12.06 -8.14
N ALA A 110 30.29 12.99 -7.85
CA ALA A 110 29.38 13.48 -8.89
C ALA A 110 30.21 14.39 -9.86
N PHE A 111 31.03 15.21 -9.25
CA PHE A 111 31.89 16.16 -10.04
C PHE A 111 32.85 15.33 -10.92
N ILE A 112 33.55 14.35 -10.32
CA ILE A 112 34.38 13.44 -11.12
C ILE A 112 33.63 12.69 -12.19
N HIS A 113 32.45 12.17 -11.86
CA HIS A 113 31.64 11.49 -12.85
C HIS A 113 31.38 12.44 -14.02
N SER A 114 31.14 13.70 -13.70
CA SER A 114 30.64 14.61 -14.75
C SER A 114 31.75 14.81 -15.79
N ILE A 115 32.99 14.93 -15.33
CA ILE A 115 34.13 15.12 -16.25
C ILE A 115 34.47 13.83 -16.97
N ASP A 116 34.72 12.76 -16.21
CA ASP A 116 35.14 11.50 -16.78
C ASP A 116 34.13 10.74 -17.58
N GLU A 117 32.84 10.81 -17.24
CA GLU A 117 31.86 10.11 -18.06
C GLU A 117 31.20 11.10 -19.05
N ASN A 118 31.54 12.38 -18.93
CA ASN A 118 30.95 13.38 -19.84
C ASN A 118 29.42 13.39 -19.65
N HIS A 119 28.93 13.43 -18.39
CA HIS A 119 27.45 13.51 -18.08
C HIS A 119 27.31 14.75 -17.23
N HIS A 120 26.51 15.73 -17.64
CA HIS A 120 26.60 17.05 -17.02
C HIS A 120 25.37 17.57 -16.32
N VAL A 121 24.24 16.85 -16.40
CA VAL A 121 22.99 17.37 -15.77
C VAL A 121 22.60 16.44 -14.58
N PHE A 122 22.46 17.01 -13.39
CA PHE A 122 22.24 16.29 -12.16
C PHE A 122 20.99 16.83 -11.44
N LEU A 123 20.37 15.96 -10.64
CA LEU A 123 19.30 16.38 -9.75
C LEU A 123 19.76 16.14 -8.34
N ASN A 124 19.68 17.15 -7.48
CA ASN A 124 19.97 16.90 -6.07
C ASN A 124 18.75 16.17 -5.49
N LEU A 125 18.93 14.97 -4.95
CA LEU A 125 17.78 14.13 -4.55
C LEU A 125 17.10 14.60 -3.26
N THR A 126 17.73 15.53 -2.55
CA THR A 126 17.20 16.01 -1.29
C THR A 126 16.49 17.33 -1.46
N SER A 127 17.07 18.26 -2.22
CA SER A 127 16.47 19.58 -2.40
C SER A 127 15.70 19.66 -3.70
N LEU A 128 15.86 18.65 -4.55
CA LEU A 128 15.22 18.67 -5.88
C LEU A 128 15.58 19.87 -6.79
N LYS A 129 16.73 20.49 -6.56
CA LYS A 129 17.25 21.48 -7.52
C LYS A 129 18.20 20.82 -8.53
N PHE A 130 18.20 21.31 -9.76
CA PHE A 130 18.98 20.76 -10.85
C PHE A 130 20.30 21.54 -11.01
N TYR A 131 21.35 20.82 -11.36
CA TYR A 131 22.69 21.44 -11.46
C TYR A 131 23.38 20.97 -12.71
N MET A 132 24.20 21.87 -13.25
CA MET A 132 25.12 21.52 -14.30
C MET A 132 26.49 21.31 -13.65
N LEU A 133 27.14 20.23 -14.02
CA LEU A 133 28.51 19.94 -13.53
C LEU A 133 29.37 19.58 -14.73
N PRO A 134 30.65 20.06 -14.76
CA PRO A 134 31.43 20.73 -13.71
C PRO A 134 31.20 22.25 -13.58
N GLN A 135 30.29 22.86 -14.35
CA GLN A 135 30.05 24.31 -14.19
C GLN A 135 29.72 24.57 -12.74
N ASN A 136 29.02 23.65 -12.08
CA ASN A 136 28.54 23.89 -10.72
C ASN A 136 27.61 25.11 -10.59
N VAL A 137 26.64 25.22 -11.49
CA VAL A 137 25.62 26.27 -11.39
C VAL A 137 24.22 25.62 -11.36
N GLN A 138 23.33 26.14 -10.53
CA GLN A 138 21.92 25.68 -10.52
C GLN A 138 21.19 26.05 -11.80
N ILE A 139 20.38 25.13 -12.32
CA ILE A 139 19.54 25.43 -13.47
C ILE A 139 18.29 26.13 -12.91
N LEU A 140 18.18 27.43 -13.15
CA LEU A 140 17.07 28.21 -12.61
C LEU A 140 15.82 28.10 -13.49
N HIS A 141 14.67 28.47 -12.95
CA HIS A 141 13.41 28.44 -13.71
C HIS A 141 13.19 27.08 -14.31
N ASP A 142 13.59 26.04 -13.57
CA ASP A 142 13.43 24.67 -14.03
C ASP A 142 11.93 24.38 -14.23
N GLY A 143 11.09 25.18 -13.56
CA GLY A 143 9.64 25.11 -13.70
C GLY A 143 9.08 25.51 -15.06
N GLU A 144 9.81 26.29 -15.84
CA GLU A 144 9.33 26.60 -17.18
C GLU A 144 9.73 25.52 -18.20
N VAL A 145 10.52 24.52 -17.79
CA VAL A 145 11.06 23.55 -18.73
C VAL A 145 10.37 22.22 -18.59
N GLN A 146 9.67 21.79 -19.63
CA GLN A 146 8.85 20.61 -19.63
C GLN A 146 9.63 19.35 -19.18
N LEU A 147 10.81 19.16 -19.77
CA LEU A 147 11.64 18.01 -19.41
C LEU A 147 11.95 18.02 -17.92
N LEU A 148 12.33 19.17 -17.39
CA LEU A 148 12.72 19.26 -16.00
C LEU A 148 11.51 19.10 -15.04
N ASN A 149 10.38 19.70 -15.39
CA ASN A 149 9.16 19.52 -14.60
C ASN A 149 8.87 18.03 -14.50
N SER A 150 8.92 17.35 -15.63
CA SER A 150 8.63 15.93 -15.74
C SER A 150 9.54 15.14 -14.78
N ILE A 151 10.84 15.47 -14.75
CA ILE A 151 11.77 14.72 -13.90
C ILE A 151 11.58 15.01 -12.45
N LYS A 152 11.31 16.26 -12.13
CA LYS A 152 11.11 16.63 -10.74
C LYS A 152 9.79 15.93 -10.26
N PHE A 153 8.83 15.82 -11.15
CA PHE A 153 7.54 15.18 -10.77
C PHE A 153 7.75 13.65 -10.52
N ALA A 154 8.64 13.01 -11.31
CA ALA A 154 8.95 11.60 -11.12
C ALA A 154 9.58 11.35 -9.76
N ALA A 155 10.37 12.33 -9.28
CA ALA A 155 11.00 12.22 -7.96
C ALA A 155 10.04 12.56 -6.80
N TYR A 156 9.06 13.44 -7.05
CA TYR A 156 8.20 13.92 -6.01
C TYR A 156 6.87 14.44 -6.61
N PRO A 157 5.92 13.53 -6.91
CA PRO A 157 4.67 13.91 -7.56
C PRO A 157 3.94 14.96 -6.73
N THR A 158 3.31 15.92 -7.42
CA THR A 158 2.59 17.01 -6.76
C THR A 158 1.18 17.06 -7.31
N TYR A 159 0.23 17.52 -6.50
CA TYR A 159 -1.17 17.43 -6.88
C TYR A 159 -1.88 18.68 -6.35
N CYS A 160 -2.95 19.10 -7.00
N CYS A 160 -2.95 19.09 -7.04
CA CYS A 160 -3.84 20.12 -6.43
CA CYS A 160 -3.90 20.08 -6.55
C CYS A 160 -5.20 19.45 -6.31
C CYS A 160 -5.22 19.40 -6.30
N PRO A 161 -6.10 20.02 -5.47
CA PRO A 161 -7.42 19.37 -5.33
C PRO A 161 -8.14 19.01 -6.61
N LYS A 162 -8.10 19.87 -7.62
CA LYS A 162 -8.86 19.52 -8.83
C LYS A 162 -8.29 18.30 -9.61
N ASP A 163 -6.99 18.04 -9.53
CA ASP A 163 -6.45 16.82 -10.15
C ASP A 163 -7.20 15.60 -9.61
N LEU A 164 -7.46 15.58 -8.29
CA LEU A 164 -8.07 14.38 -7.67
C LEU A 164 -9.48 14.09 -8.21
N GLU A 165 -10.15 15.12 -8.70
CA GLU A 165 -11.52 14.90 -9.20
C GLU A 165 -11.54 14.00 -10.42
N ASP A 166 -10.48 14.00 -11.23
CA ASP A 166 -10.49 13.13 -12.39
C ASP A 166 -9.66 11.86 -12.16
N PHE A 167 -9.45 11.46 -10.91
CA PHE A 167 -8.72 10.18 -10.66
C PHE A 167 -9.76 9.12 -10.29
N PRO A 168 -9.55 7.84 -10.68
CA PRO A 168 -8.42 7.38 -11.51
C PRO A 168 -8.75 7.56 -13.00
N ARG A 169 -7.72 7.64 -13.84
CA ARG A 169 -7.93 7.70 -15.29
C ARG A 169 -6.86 6.90 -16.01
N GLN A 170 -7.09 6.54 -17.27
CA GLN A 170 -6.09 5.77 -18.02
C GLN A 170 -4.89 6.68 -18.41
N CYS A 171 -3.69 6.17 -18.18
CA CYS A 171 -2.47 6.94 -18.35
C CYS A 171 -1.53 6.11 -19.17
N PHE A 172 -0.40 6.70 -19.58
CA PHE A 172 0.60 5.99 -20.39
C PHE A 172 1.97 6.24 -19.80
N ASP A 173 2.78 5.20 -19.69
CA ASP A 173 4.13 5.42 -19.18
C ASP A 173 5.04 5.77 -20.40
N LEU A 174 6.34 5.88 -20.17
CA LEU A 174 7.23 6.34 -21.27
C LEU A 174 7.36 5.31 -22.39
N SER A 175 7.07 4.06 -22.09
CA SER A 175 7.07 3.02 -23.11
C SER A 175 5.70 2.88 -23.75
N ASN A 176 4.82 3.84 -23.49
CA ASN A 176 3.43 3.75 -23.92
C ASN A 176 2.66 2.51 -23.43
N ARG A 177 3.06 1.93 -22.31
CA ARG A 177 2.19 0.93 -21.66
C ARG A 177 1.09 1.67 -20.87
N THR A 178 -0.18 1.31 -21.07
CA THR A 178 -1.27 2.08 -20.42
C THR A 178 -1.45 1.54 -19.00
N TYR A 179 -1.96 2.37 -18.07
CA TYR A 179 -2.25 1.88 -16.73
C TYR A 179 -3.31 2.81 -16.19
N LEU A 180 -4.05 2.34 -15.18
CA LEU A 180 -5.04 3.18 -14.51
C LEU A 180 -4.35 3.74 -13.27
N ASN A 181 -4.25 5.06 -13.12
CA ASN A 181 -3.37 5.60 -12.08
C ASN A 181 -3.96 5.25 -10.70
N GLY A 182 -3.09 4.93 -9.74
CA GLY A 182 -3.50 4.40 -8.42
C GLY A 182 -3.62 2.89 -8.42
N PHE A 183 -3.85 2.29 -9.58
CA PHE A 183 -4.11 0.84 -9.66
C PHE A 183 -2.91 0.12 -10.31
N ILE A 184 -1.73 0.27 -9.72
CA ILE A 184 -0.55 -0.28 -10.32
CA ILE A 184 -0.51 -0.24 -10.31
C ILE A 184 0.14 -1.26 -9.38
N GLY A 185 1.05 -2.06 -9.96
CA GLY A 185 1.77 -3.07 -9.22
C GLY A 185 3.20 -2.66 -8.94
N PHE A 186 3.93 -3.67 -8.43
CA PHE A 186 5.19 -3.44 -7.76
C PHE A 186 6.12 -4.59 -8.12
N THR A 187 7.40 -4.27 -8.26
CA THR A 187 8.41 -5.31 -8.44
C THR A 187 8.71 -6.03 -7.12
N ASN A 188 9.32 -7.20 -7.24
CA ASN A 188 9.75 -8.00 -6.09
C ASN A 188 8.60 -8.38 -5.14
N ALA A 189 7.50 -8.78 -5.71
CA ALA A 189 6.39 -9.31 -4.90
C ALA A 189 6.85 -10.58 -4.18
N ALA A 190 7.86 -11.26 -4.74
CA ALA A 190 8.31 -12.53 -4.14
C ALA A 190 8.75 -12.20 -2.73
N THR A 191 9.31 -11.02 -2.53
CA THR A 191 9.75 -10.63 -1.20
C THR A 191 8.77 -9.71 -0.44
N TYR A 192 8.13 -8.79 -1.15
CA TYR A 192 7.42 -7.71 -0.46
C TYR A 192 5.89 -7.68 -0.74
N ASP A 193 5.32 -8.76 -1.27
CA ASP A 193 3.89 -8.73 -1.62
C ASP A 193 2.98 -8.32 -0.45
N TYR A 194 3.31 -8.74 0.76
CA TYR A 194 2.48 -8.36 1.92
C TYR A 194 2.46 -6.84 2.13
N ALA A 195 3.59 -6.19 1.86
CA ALA A 195 3.66 -4.75 2.00
C ALA A 195 2.99 -4.07 0.82
N HIS A 196 3.13 -4.61 -0.39
CA HIS A 196 2.41 -4.00 -1.53
C HIS A 196 0.91 -3.95 -1.23
N SER A 197 0.35 -5.03 -0.68
CA SER A 197 -1.10 -5.04 -0.49
CA SER A 197 -1.09 -5.07 -0.46
C SER A 197 -1.49 -3.99 0.53
N VAL A 198 -0.73 -3.87 1.61
CA VAL A 198 -1.09 -2.89 2.64
C VAL A 198 -0.96 -1.43 2.10
N LEU A 199 0.13 -1.15 1.37
CA LEU A 199 0.26 0.20 0.81
C LEU A 199 -0.88 0.54 -0.15
N LEU A 200 -1.29 -0.42 -0.97
CA LEU A 200 -2.44 -0.21 -1.84
C LEU A 200 -3.73 0.06 -1.02
N LEU A 201 -3.94 -0.74 0.03
CA LEU A 201 -5.18 -0.58 0.84
C LEU A 201 -5.23 0.82 1.41
N ILE A 202 -4.15 1.24 2.04
CA ILE A 202 -4.21 2.52 2.68
CA ILE A 202 -4.16 2.54 2.67
C ILE A 202 -4.24 3.67 1.65
N SER A 203 -3.56 3.51 0.51
CA SER A 203 -3.57 4.58 -0.49
CA SER A 203 -3.56 4.53 -0.54
C SER A 203 -4.92 4.68 -1.24
N HIS A 204 -5.80 3.67 -1.06
CA HIS A 204 -7.11 3.70 -1.69
C HIS A 204 -8.23 4.10 -0.71
N MET A 205 -7.88 4.44 0.53
CA MET A 205 -8.87 5.01 1.48
C MET A 205 -8.88 6.52 1.28
N VAL A 206 -9.88 6.99 0.56
CA VAL A 206 -9.78 8.36 0.03
C VAL A 206 -9.31 9.49 0.99
N PRO A 207 -9.80 9.51 2.23
CA PRO A 207 -9.44 10.60 3.17
C PRO A 207 -8.01 10.54 3.62
N VAL A 208 -7.48 9.32 3.68
CA VAL A 208 -6.07 9.16 4.00
C VAL A 208 -5.27 9.52 2.76
N ARG A 209 -5.67 8.97 1.62
CA ARG A 209 -4.95 9.21 0.38
C ARG A 209 -4.88 10.73 0.13
N ASP A 210 -6.05 11.37 0.22
CA ASP A 210 -6.08 12.83 -0.11
C ASP A 210 -5.14 13.62 0.78
N HIS A 211 -5.11 13.28 2.06
CA HIS A 211 -4.24 13.99 2.98
C HIS A 211 -2.76 13.82 2.56
N PHE A 212 -2.39 12.59 2.18
CA PHE A 212 -0.98 12.36 1.76
C PHE A 212 -0.65 13.08 0.45
N LEU A 213 -1.58 13.06 -0.50
CA LEU A 213 -1.30 13.63 -1.84
C LEU A 213 -1.18 15.17 -1.79
N LEU A 214 -1.95 15.82 -0.93
CA LEU A 214 -2.07 17.31 -1.00
C LEU A 214 -1.22 18.03 0.03
N ASN A 215 -0.61 17.30 0.95
CA ASN A 215 0.25 17.92 1.94
C ASN A 215 1.70 17.52 1.82
N HIS A 216 2.58 18.25 2.47
CA HIS A 216 4.00 17.93 2.46
C HIS A 216 4.37 17.57 3.87
N PHE A 217 5.37 16.72 4.03
CA PHE A 217 5.56 16.12 5.34
C PHE A 217 7.02 16.25 5.78
N ASP A 218 7.65 17.38 5.46
CA ASP A 218 9.05 17.64 5.86
C ASP A 218 9.23 17.90 7.37
N ASN A 219 8.13 18.18 8.04
CA ASN A 219 8.12 18.42 9.48
C ASN A 219 7.57 17.27 10.36
N GLN A 220 7.32 16.06 9.82
CA GLN A 220 6.77 14.99 10.62
CA GLN A 220 6.74 15.00 10.62
C GLN A 220 7.70 13.76 10.76
N GLY A 221 9.00 13.92 10.47
CA GLY A 221 9.96 12.83 10.61
C GLY A 221 10.15 11.97 9.34
N GLU A 222 11.24 11.22 9.27
CA GLU A 222 11.61 10.45 8.07
C GLU A 222 10.57 9.32 7.65
N PHE A 223 10.05 8.58 8.63
CA PHE A 223 9.05 7.53 8.31
C PHE A 223 7.84 8.15 7.53
N ILE A 224 7.26 9.22 8.08
CA ILE A 224 6.03 9.82 7.50
C ILE A 224 6.38 10.44 6.15
N LYS A 225 7.54 11.10 6.05
CA LYS A 225 7.92 11.64 4.75
C LYS A 225 8.06 10.50 3.71
N ARG A 226 8.77 9.41 4.06
CA ARG A 226 8.95 8.37 3.07
C ARG A 226 7.61 7.74 2.68
N LEU A 227 6.73 7.56 3.65
CA LEU A 227 5.46 6.87 3.38
C LEU A 227 4.64 7.81 2.45
N SER A 228 4.71 9.11 2.72
CA SER A 228 3.89 10.04 1.92
C SER A 228 4.37 10.00 0.48
N ILE A 229 5.69 9.87 0.28
CA ILE A 229 6.17 9.80 -1.08
C ILE A 229 5.71 8.49 -1.78
N CYS A 230 5.69 7.34 -1.08
CA CYS A 230 5.16 6.12 -1.70
C CYS A 230 3.71 6.35 -2.19
N VAL A 231 2.90 6.96 -1.31
CA VAL A 231 1.45 7.15 -1.64
C VAL A 231 1.36 8.11 -2.83
N LYS A 232 2.18 9.17 -2.83
CA LYS A 232 2.18 10.09 -3.99
C LYS A 232 2.58 9.41 -5.30
N LYS A 233 3.54 8.47 -5.24
CA LYS A 233 3.88 7.76 -6.47
C LYS A 233 2.84 6.79 -6.87
N ILE A 234 2.20 6.10 -5.88
CA ILE A 234 1.17 5.11 -6.25
C ILE A 234 0.08 5.75 -7.13
N TRP A 235 -0.18 7.03 -6.87
CA TRP A 235 -1.26 7.74 -7.62
C TRP A 235 -0.74 8.53 -8.84
N SER A 236 0.58 8.48 -9.11
CA SER A 236 1.10 9.36 -10.14
C SER A 236 0.50 9.04 -11.50
N PRO A 237 -0.05 10.07 -12.17
CA PRO A 237 -0.55 9.86 -13.54
C PRO A 237 0.55 10.05 -14.62
N LYS A 238 1.79 10.24 -14.22
CA LYS A 238 2.90 10.45 -15.17
C LYS A 238 4.14 9.56 -14.92
N LEU A 239 3.91 8.34 -14.44
CA LEU A 239 5.03 7.45 -14.14
C LEU A 239 5.89 7.19 -15.38
N PHE A 240 7.21 7.08 -15.22
CA PHE A 240 8.04 6.69 -16.36
C PHE A 240 7.83 5.24 -16.74
N LYS A 241 7.64 4.39 -15.73
CA LYS A 241 7.25 3.01 -15.99
C LYS A 241 6.09 2.66 -15.04
N HIS A 242 5.19 1.83 -15.52
CA HIS A 242 3.90 1.68 -14.87
C HIS A 242 3.91 0.72 -13.64
N HIS A 243 4.98 0.73 -12.87
CA HIS A 243 5.09 -0.07 -11.62
C HIS A 243 6.13 0.54 -10.71
N LEU A 244 6.06 0.19 -9.44
CA LEU A 244 6.91 0.87 -8.47
C LEU A 244 7.77 -0.17 -7.77
N SER A 245 8.84 0.31 -7.12
CA SER A 245 9.57 -0.58 -6.21
C SER A 245 9.42 0.02 -4.84
N VAL A 246 9.07 -0.78 -3.82
CA VAL A 246 9.19 -0.22 -2.46
C VAL A 246 10.17 -1.02 -1.56
N ASP A 247 11.11 -1.73 -2.20
CA ASP A 247 12.13 -2.52 -1.47
C ASP A 247 12.86 -1.63 -0.47
N ASP A 248 13.33 -0.46 -0.93
CA ASP A 248 14.08 0.40 0.00
C ASP A 248 13.23 0.94 1.13
N PHE A 249 11.98 1.33 0.85
CA PHE A 249 11.08 1.79 1.92
C PHE A 249 10.93 0.66 2.99
N VAL A 250 10.64 -0.57 2.53
CA VAL A 250 10.33 -1.66 3.52
C VAL A 250 11.61 -2.02 4.24
N SER A 251 12.72 -1.97 3.52
CA SER A 251 14.00 -2.30 4.15
C SER A 251 14.35 -1.21 5.16
N TYR A 252 14.01 0.06 4.86
CA TYR A 252 14.19 1.11 5.84
C TYR A 252 13.38 0.86 7.13
N LEU A 253 12.13 0.42 6.96
CA LEU A 253 11.36 0.12 8.15
C LEU A 253 12.06 -0.91 9.09
N LYS A 254 12.69 -1.90 8.49
CA LYS A 254 13.31 -3.00 9.29
C LYS A 254 14.63 -2.43 9.92
N VAL A 255 15.38 -1.69 9.10
CA VAL A 255 16.72 -1.22 9.56
C VAL A 255 16.62 -0.06 10.56
N ARG A 256 15.69 0.86 10.35
CA ARG A 256 15.64 2.07 11.17
CA ARG A 256 15.67 2.02 11.20
C ARG A 256 14.40 2.21 12.02
N GLU A 257 13.30 1.50 11.68
CA GLU A 257 12.08 1.68 12.50
C GLU A 257 11.71 0.40 13.30
N GLY A 258 12.60 -0.59 13.33
CA GLY A 258 12.40 -1.74 14.19
C GLY A 258 11.30 -2.68 13.72
N LEU A 259 10.97 -2.67 12.42
CA LEU A 259 9.99 -3.66 11.89
C LEU A 259 10.71 -5.02 11.87
N ASN A 260 10.28 -5.93 12.73
CA ASN A 260 11.00 -7.23 12.85
C ASN A 260 10.06 -8.42 13.11
N LEU A 261 8.83 -8.32 12.65
CA LEU A 261 7.88 -9.42 12.77
C LEU A 261 8.28 -10.56 11.86
N ASN A 262 8.23 -11.77 12.41
CA ASN A 262 8.47 -12.94 11.60
C ASN A 262 7.73 -14.10 12.28
N PRO A 263 6.67 -14.58 11.65
CA PRO A 263 6.28 -14.31 10.26
C PRO A 263 5.61 -12.92 10.12
N ILE A 264 5.38 -12.51 8.88
CA ILE A 264 4.60 -11.28 8.68
C ILE A 264 3.62 -11.54 7.56
N ASP A 265 2.49 -10.81 7.56
CA ASP A 265 1.48 -11.01 6.51
C ASP A 265 0.73 -9.67 6.40
N PRO A 266 -0.24 -9.58 5.49
CA PRO A 266 -0.87 -8.23 5.33
C PRO A 266 -1.52 -7.68 6.59
N ARG A 267 -2.08 -8.55 7.44
CA ARG A 267 -2.74 -8.08 8.61
C ARG A 267 -1.74 -7.53 9.65
N LEU A 268 -0.70 -8.33 9.93
CA LEU A 268 0.29 -7.90 10.92
C LEU A 268 0.96 -6.59 10.44
N PHE A 269 1.23 -6.52 9.15
CA PHE A 269 1.92 -5.32 8.65
C PHE A 269 0.96 -4.12 8.62
N LEU A 270 -0.30 -4.33 8.26
CA LEU A 270 -1.29 -3.22 8.30
CA LEU A 270 -1.32 -3.24 8.32
C LEU A 270 -1.40 -2.66 9.72
N LEU A 271 -1.48 -3.54 10.73
CA LEU A 271 -1.64 -3.10 12.11
C LEU A 271 -0.36 -2.36 12.52
N TRP A 272 0.79 -2.94 12.19
CA TRP A 272 2.06 -2.25 12.52
C TRP A 272 2.08 -0.82 11.89
N LEU A 273 1.72 -0.76 10.62
CA LEU A 273 1.84 0.49 9.84
C LEU A 273 0.80 1.52 10.40
N PHE A 274 -0.44 1.08 10.66
CA PHE A 274 -1.40 2.05 11.29
C PHE A 274 -0.90 2.56 12.63
N ASN A 275 -0.33 1.68 13.46
CA ASN A 275 0.18 2.14 14.74
C ASN A 275 1.37 3.07 14.58
N LYS A 276 2.21 2.82 13.57
CA LYS A 276 3.41 3.63 13.41
C LYS A 276 2.99 5.04 12.88
N ILE A 277 1.99 5.06 12.02
CA ILE A 277 1.48 6.34 11.47
C ILE A 277 0.93 7.16 12.63
N CYS A 278 0.15 6.52 13.48
CA CYS A 278 -0.48 7.21 14.61
C CYS A 278 0.52 7.77 15.63
N SER A 279 1.63 7.07 15.84
CA SER A 279 2.61 7.52 16.81
C SER A 279 3.53 8.57 16.17
N SER A 280 3.45 8.71 14.85
CA SER A 280 4.35 9.62 14.14
C SER A 280 3.70 10.95 13.65
N SER A 281 2.38 10.99 13.51
CA SER A 281 1.69 12.13 12.89
C SER A 281 0.39 12.38 13.60
N ASN A 282 0.25 13.52 14.26
CA ASN A 282 -1.04 13.78 14.93
C ASN A 282 -2.16 13.95 13.93
N ASP A 283 -1.88 14.60 12.81
CA ASP A 283 -2.85 14.82 11.73
C ASP A 283 -3.40 13.45 11.19
N LEU A 284 -2.48 12.55 10.82
CA LEU A 284 -2.92 11.26 10.27
C LEU A 284 -3.54 10.40 11.38
N LYS A 285 -3.04 10.53 12.59
CA LYS A 285 -3.66 9.81 13.68
C LYS A 285 -5.14 10.18 13.81
N SER A 286 -5.43 11.49 13.75
CA SER A 286 -6.83 11.89 13.88
C SER A 286 -7.65 11.40 12.68
N ILE A 287 -7.09 11.37 11.47
CA ILE A 287 -7.89 10.90 10.31
C ILE A 287 -8.14 9.37 10.40
N LEU A 288 -7.09 8.60 10.73
CA LEU A 288 -7.27 7.12 10.87
C LEU A 288 -8.21 6.81 12.01
N ASN A 289 -8.02 7.45 13.16
CA ASN A 289 -9.00 7.22 14.24
C ASN A 289 -10.43 7.53 13.84
N HIS A 290 -10.65 8.60 13.09
CA HIS A 290 -12.01 8.90 12.74
C HIS A 290 -12.54 7.97 11.66
N SER A 291 -11.70 7.67 10.68
CA SER A 291 -12.23 7.00 9.50
C SER A 291 -12.21 5.45 9.57
N CYS A 292 -11.28 4.89 10.35
CA CYS A 292 -10.96 3.46 10.26
C CYS A 292 -11.21 2.69 11.55
N LYS A 293 -11.36 3.41 12.66
CA LYS A 293 -11.33 2.74 13.95
C LYS A 293 -12.75 2.40 14.42
N GLY A 294 -13.01 1.10 14.52
CA GLY A 294 -14.32 0.61 14.94
C GLY A 294 -14.31 0.36 16.42
N LYS A 295 -15.46 -0.01 16.99
CA LYS A 295 -15.48 -0.40 18.39
C LYS A 295 -16.47 -1.54 18.54
N VAL A 296 -16.07 -2.56 19.30
CA VAL A 296 -16.97 -3.65 19.64
CA VAL A 296 -16.95 -3.67 19.65
C VAL A 296 -17.24 -3.56 21.13
N LYS A 297 -18.49 -3.76 21.51
CA LYS A 297 -18.83 -3.80 22.93
C LYS A 297 -19.21 -5.22 23.27
N ILE A 298 -18.65 -5.74 24.35
CA ILE A 298 -19.03 -7.07 24.79
C ILE A 298 -19.65 -6.95 26.18
N ALA A 299 -20.84 -7.50 26.37
CA ALA A 299 -21.58 -7.26 27.61
C ALA A 299 -22.27 -8.50 28.13
N LYS A 300 -22.38 -8.62 29.44
CA LYS A 300 -23.24 -9.66 30.03
C LYS A 300 -24.14 -9.07 31.12
N SER A 308 -33.62 -10.38 42.75
CA SER A 308 -33.98 -9.01 43.12
C SER A 308 -32.78 -8.05 43.07
N GLU A 309 -31.58 -8.62 43.17
CA GLU A 309 -30.33 -7.86 43.10
C GLU A 309 -29.97 -7.59 41.64
N SER A 310 -30.11 -6.35 41.18
CA SER A 310 -29.79 -6.05 39.79
C SER A 310 -28.27 -5.91 39.51
N VAL A 311 -27.71 -6.92 38.85
CA VAL A 311 -26.37 -6.83 38.32
C VAL A 311 -26.42 -6.09 36.99
N THR A 312 -25.54 -5.13 36.76
CA THR A 312 -25.39 -4.57 35.41
C THR A 312 -24.44 -5.47 34.56
N GLY A 313 -23.36 -5.98 35.15
CA GLY A 313 -22.47 -6.89 34.42
C GLY A 313 -21.40 -6.23 33.56
N LYS A 314 -20.27 -6.90 33.50
CA LYS A 314 -19.08 -6.42 32.82
C LYS A 314 -19.46 -5.95 31.42
N VAL A 315 -18.94 -4.80 31.04
CA VAL A 315 -19.02 -4.30 29.69
C VAL A 315 -17.60 -3.93 29.21
N ILE A 316 -17.08 -4.60 28.19
CA ILE A 316 -15.81 -4.16 27.59
C ILE A 316 -16.06 -3.47 26.28
N VAL A 317 -15.48 -2.29 26.07
CA VAL A 317 -15.52 -1.65 24.77
C VAL A 317 -14.09 -1.67 24.18
N LYS A 318 -13.95 -2.37 23.05
CA LYS A 318 -12.63 -2.58 22.44
C LYS A 318 -12.56 -1.86 21.13
N PRO A 319 -11.66 -0.89 21.01
CA PRO A 319 -11.51 -0.36 19.64
C PRO A 319 -10.80 -1.39 18.76
N PHE A 320 -10.93 -1.27 17.44
CA PHE A 320 -10.15 -2.09 16.52
C PHE A 320 -9.85 -1.34 15.27
N TRP A 321 -8.71 -1.68 14.66
CA TRP A 321 -8.47 -1.29 13.27
C TRP A 321 -9.01 -2.37 12.38
N VAL A 322 -8.83 -3.63 12.78
CA VAL A 322 -9.18 -4.73 11.90
C VAL A 322 -10.03 -5.68 12.72
N LEU A 323 -11.19 -6.05 12.22
CA LEU A 323 -12.08 -6.96 12.94
C LEU A 323 -11.89 -8.37 12.49
N THR A 324 -11.45 -9.25 13.38
CA THR A 324 -11.18 -10.63 12.99
C THR A 324 -12.45 -11.42 13.08
N LEU A 325 -12.78 -12.12 12.00
CA LEU A 325 -13.95 -12.98 11.91
C LEU A 325 -13.42 -14.43 11.94
N ASP A 326 -13.78 -15.19 12.97
CA ASP A 326 -13.35 -16.58 13.07
C ASP A 326 -14.15 -17.48 12.13
N LEU A 327 -13.50 -18.45 11.51
CA LEU A 327 -14.17 -19.29 10.56
C LEU A 327 -14.56 -20.60 11.24
N PRO A 328 -15.57 -21.27 10.69
CA PRO A 328 -15.94 -22.53 11.34
C PRO A 328 -14.78 -23.56 11.31
N GLU A 329 -14.72 -24.44 12.31
CA GLU A 329 -13.65 -25.44 12.39
C GLU A 329 -13.42 -26.16 11.05
N PHE A 330 -12.16 -26.36 10.69
CA PHE A 330 -11.86 -26.87 9.35
C PHE A 330 -10.84 -27.98 9.48
N SER A 331 -11.09 -29.08 8.78
CA SER A 331 -10.11 -30.18 8.78
C SER A 331 -9.31 -30.17 7.48
N PRO A 332 -7.98 -30.00 7.59
CA PRO A 332 -7.21 -29.97 6.33
C PRO A 332 -7.13 -31.34 5.64
N PHE A 333 -7.57 -32.42 6.29
CA PHE A 333 -7.38 -33.76 5.74
CA PHE A 333 -7.42 -33.79 5.77
C PHE A 333 -8.58 -34.23 4.89
N GLU A 334 -9.72 -33.56 5.03
CA GLU A 334 -10.87 -33.86 4.20
C GLU A 334 -10.62 -33.37 2.79
N ASP A 335 -10.91 -34.21 1.82
CA ASP A 335 -10.72 -33.89 0.41
C ASP A 335 -12.07 -34.10 -0.21
N GLY A 336 -12.28 -33.51 -1.37
CA GLY A 336 -13.53 -33.68 -2.09
C GLY A 336 -13.30 -33.34 -3.56
N ASN A 337 -14.31 -33.60 -4.39
CA ASN A 337 -14.15 -33.29 -5.80
C ASN A 337 -15.29 -32.41 -6.31
N SER A 338 -15.97 -31.71 -5.41
CA SER A 338 -16.82 -30.58 -5.84
C SER A 338 -16.96 -29.52 -4.75
N VAL A 339 -17.33 -28.32 -5.15
CA VAL A 339 -17.44 -27.25 -4.18
C VAL A 339 -18.52 -27.62 -3.16
N ASP A 340 -19.58 -28.32 -3.55
CA ASP A 340 -20.58 -28.65 -2.53
C ASP A 340 -20.08 -29.70 -1.50
N ASP A 341 -18.99 -30.43 -1.80
CA ASP A 341 -18.26 -31.28 -0.82
C ASP A 341 -17.37 -30.45 0.18
N LEU A 342 -17.12 -29.17 -0.12
CA LEU A 342 -16.18 -28.36 0.69
C LEU A 342 -16.93 -27.40 1.64
N PRO A 343 -16.33 -27.04 2.78
CA PRO A 343 -17.12 -26.19 3.66
C PRO A 343 -17.30 -24.78 3.10
N GLN A 344 -18.46 -24.19 3.34
CA GLN A 344 -18.77 -22.84 2.84
C GLN A 344 -19.48 -22.11 3.94
N ILE A 345 -19.36 -20.79 3.91
CA ILE A 345 -20.09 -19.96 4.85
C ILE A 345 -20.28 -18.57 4.27
N ASN A 346 -21.43 -17.95 4.50
CA ASN A 346 -21.63 -16.61 3.96
C ASN A 346 -21.07 -15.60 4.95
N ILE A 347 -20.54 -14.51 4.44
CA ILE A 347 -20.04 -13.46 5.31
C ILE A 347 -21.12 -12.96 6.27
N THR A 348 -22.41 -12.95 5.88
CA THR A 348 -23.44 -12.39 6.78
C THR A 348 -23.56 -13.30 8.01
N LYS A 349 -23.29 -14.57 7.81
CA LYS A 349 -23.38 -15.51 8.90
C LYS A 349 -22.18 -15.33 9.85
N LEU A 350 -21.00 -14.94 9.33
CA LEU A 350 -19.86 -14.66 10.23
C LEU A 350 -20.19 -13.42 11.10
N LEU A 351 -21.02 -12.53 10.60
CA LEU A 351 -21.32 -11.30 11.33
C LEU A 351 -22.49 -11.46 12.34
N THR A 352 -23.06 -12.66 12.43
CA THR A 352 -24.25 -12.91 13.28
C THR A 352 -24.01 -12.53 14.73
N LYS A 353 -22.85 -12.91 15.23
CA LYS A 353 -22.34 -12.44 16.50
C LYS A 353 -22.85 -11.03 16.83
N PHE A 354 -22.76 -10.11 15.88
CA PHE A 354 -23.05 -8.69 16.14
C PHE A 354 -24.45 -8.26 15.73
N THR A 355 -25.17 -9.12 15.03
CA THR A 355 -26.44 -8.71 14.44
C THR A 355 -27.63 -9.58 14.89
N LYS A 356 -27.43 -10.48 15.86
CA LYS A 356 -28.54 -11.34 16.34
C LYS A 356 -29.34 -10.68 17.47
N THR A 364 -23.91 -13.51 27.21
CA THR A 364 -22.93 -12.67 26.54
C THR A 364 -23.44 -12.14 25.19
N VAL A 365 -23.22 -10.85 24.95
CA VAL A 365 -23.73 -10.18 23.77
C VAL A 365 -22.64 -9.29 23.16
N PHE A 366 -22.51 -9.35 21.84
CA PHE A 366 -21.47 -8.62 21.10
C PHE A 366 -22.15 -7.60 20.25
N GLU A 367 -21.63 -6.37 20.21
CA GLU A 367 -22.26 -5.35 19.40
C GLU A 367 -21.20 -4.44 18.78
N LEU A 368 -21.34 -4.11 17.50
CA LEU A 368 -20.46 -3.08 16.92
C LEU A 368 -21.00 -1.73 17.29
N THR A 369 -20.41 -1.06 18.27
CA THR A 369 -20.98 0.23 18.70
C THR A 369 -20.35 1.43 17.99
N ARG A 370 -19.24 1.25 17.29
CA ARG A 370 -18.81 2.30 16.34
C ARG A 370 -18.53 1.66 15.02
N LEU A 371 -19.28 2.08 14.02
CA LEU A 371 -19.12 1.55 12.69
C LEU A 371 -18.37 2.63 11.90
N PRO A 372 -17.12 2.34 11.50
CA PRO A 372 -16.29 3.35 10.85
C PRO A 372 -16.65 3.54 9.39
N GLN A 373 -16.22 4.65 8.78
CA GLN A 373 -16.37 4.81 7.35
C GLN A 373 -15.70 3.62 6.60
N PHE A 374 -14.53 3.17 7.09
CA PHE A 374 -13.85 2.00 6.47
C PHE A 374 -13.76 0.90 7.49
N LEU A 375 -14.48 -0.20 7.24
CA LEU A 375 -14.55 -1.37 8.14
C LEU A 375 -13.68 -2.43 7.49
N ILE A 376 -12.64 -2.84 8.22
CA ILE A 376 -11.65 -3.77 7.69
C ILE A 376 -11.82 -5.11 8.40
N PHE A 377 -12.06 -6.17 7.63
CA PHE A 377 -12.23 -7.49 8.20
C PHE A 377 -10.98 -8.30 7.93
N HIS A 378 -10.70 -9.19 8.84
CA HIS A 378 -9.64 -10.22 8.64
C HIS A 378 -10.31 -11.59 8.82
N PHE A 379 -10.08 -12.51 7.90
CA PHE A 379 -10.64 -13.89 8.03
C PHE A 379 -9.56 -14.74 8.62
N ASN A 380 -9.85 -15.39 9.75
CA ASN A 380 -8.73 -15.97 10.52
C ASN A 380 -8.31 -17.31 9.92
N ARG A 381 -7.53 -17.25 8.86
CA ARG A 381 -7.08 -18.48 8.16
C ARG A 381 -6.01 -19.30 8.91
N PHE A 382 -5.10 -18.61 9.58
CA PHE A 382 -3.87 -19.26 10.08
C PHE A 382 -3.84 -19.56 11.55
N ASP A 383 -3.53 -20.80 11.86
CA ASP A 383 -3.21 -21.15 13.23
CA ASP A 383 -3.19 -21.21 13.21
C ASP A 383 -1.67 -21.20 13.30
N ARG A 384 -1.06 -20.05 13.66
CA ARG A 384 0.41 -19.91 13.64
CA ARG A 384 0.41 -19.94 13.61
C ARG A 384 1.11 -20.71 14.73
N ASN A 385 0.37 -21.02 15.81
CA ASN A 385 0.89 -21.89 16.87
C ASN A 385 0.48 -23.35 16.71
N SER A 386 0.59 -23.86 15.50
CA SER A 386 0.59 -25.28 15.26
C SER A 386 1.52 -25.54 14.10
N ASP A 387 1.81 -26.81 13.86
CA ASP A 387 2.76 -27.18 12.82
C ASP A 387 2.21 -26.85 11.42
N HIS A 388 3.12 -26.47 10.51
CA HIS A 388 2.82 -26.09 9.11
C HIS A 388 1.56 -25.26 9.01
N PRO A 389 1.58 -24.06 9.61
CA PRO A 389 0.39 -23.18 9.62
C PRO A 389 -0.21 -22.86 8.24
N VAL A 390 0.64 -22.69 7.22
CA VAL A 390 0.11 -22.35 5.90
C VAL A 390 -0.60 -23.54 5.31
N LYS A 391 0.11 -24.67 5.22
CA LYS A 391 -0.54 -25.88 4.68
C LYS A 391 -1.84 -26.27 5.40
N ASN A 392 -1.83 -26.13 6.73
CA ASN A 392 -2.98 -26.52 7.54
C ASN A 392 -4.00 -25.41 7.78
N ARG A 393 -3.96 -24.37 6.96
CA ARG A 393 -4.82 -23.20 7.12
CA ARG A 393 -4.82 -23.20 7.15
C ARG A 393 -6.31 -23.52 6.91
N ASN A 394 -7.17 -22.67 7.44
CA ASN A 394 -8.60 -22.89 7.32
C ASN A 394 -9.08 -22.45 5.93
N GLN A 395 -9.42 -23.42 5.07
CA GLN A 395 -9.79 -23.08 3.69
C GLN A 395 -11.30 -23.02 3.43
N THR A 396 -12.07 -22.73 4.46
CA THR A 396 -13.52 -22.56 4.32
C THR A 396 -13.79 -21.52 3.25
N LEU A 397 -14.71 -21.82 2.35
CA LEU A 397 -15.07 -20.88 1.30
C LEU A 397 -15.98 -19.79 1.83
N VAL A 398 -15.46 -18.58 1.90
CA VAL A 398 -16.24 -17.44 2.39
C VAL A 398 -16.96 -16.74 1.24
N GLU A 399 -18.28 -16.77 1.30
CA GLU A 399 -19.13 -16.19 0.26
C GLU A 399 -19.54 -14.77 0.57
N PHE A 400 -19.39 -13.87 -0.40
CA PHE A 400 -19.76 -12.49 -0.20
C PHE A 400 -20.07 -11.90 -1.57
N SER A 401 -20.83 -10.83 -1.58
CA SER A 401 -21.11 -10.08 -2.81
C SER A 401 -20.54 -8.71 -2.59
N SER A 402 -21.08 -7.70 -3.26
CA SER A 402 -20.44 -6.40 -3.13
C SER A 402 -21.11 -5.51 -2.12
N GLU A 403 -22.15 -6.01 -1.46
CA GLU A 403 -22.90 -5.21 -0.49
C GLU A 403 -23.17 -6.00 0.77
N LEU A 404 -23.37 -5.28 1.87
CA LEU A 404 -23.49 -5.92 3.14
C LEU A 404 -24.25 -4.94 4.00
N GLU A 405 -25.07 -5.41 4.93
CA GLU A 405 -25.72 -4.48 5.83
C GLU A 405 -25.50 -4.92 7.26
N ILE A 406 -25.19 -4.01 8.17
CA ILE A 406 -25.03 -4.36 9.58
C ILE A 406 -25.95 -3.46 10.40
N LEU A 407 -26.97 -4.04 11.02
CA LEU A 407 -28.00 -3.25 11.73
C LEU A 407 -28.32 -1.92 11.02
N HIS A 408 -28.79 -2.07 9.79
CA HIS A 408 -29.26 -0.94 8.96
C HIS A 408 -28.20 -0.04 8.38
N VAL A 409 -26.93 -0.29 8.67
CA VAL A 409 -25.87 0.52 8.05
C VAL A 409 -25.37 -0.26 6.84
N LYS A 410 -25.39 0.33 5.66
CA LYS A 410 -24.97 -0.38 4.47
C LYS A 410 -23.48 -0.11 4.16
N TYR A 411 -22.81 -1.14 3.65
CA TYR A 411 -21.38 -1.05 3.25
C TYR A 411 -21.21 -1.65 1.85
N ARG A 412 -20.21 -1.17 1.10
CA ARG A 412 -19.88 -1.77 -0.18
C ARG A 412 -18.39 -2.17 -0.16
N LEU A 413 -18.07 -3.30 -0.78
CA LEU A 413 -16.70 -3.84 -0.77
C LEU A 413 -15.83 -2.99 -1.68
N LYS A 414 -14.65 -2.59 -1.22
CA LYS A 414 -13.77 -1.76 -2.03
CA LYS A 414 -13.74 -1.72 -1.98
C LYS A 414 -12.38 -2.37 -2.22
N ALA A 415 -11.97 -3.30 -1.36
CA ALA A 415 -10.66 -3.94 -1.53
C ALA A 415 -10.73 -5.35 -0.94
N ASN A 416 -10.02 -6.26 -1.59
CA ASN A 416 -10.02 -7.68 -1.20
C ASN A 416 -8.58 -8.20 -1.33
N VAL A 417 -7.94 -8.57 -0.21
CA VAL A 417 -6.58 -9.13 -0.28
C VAL A 417 -6.75 -10.65 -0.23
N VAL A 418 -6.14 -11.32 -1.19
CA VAL A 418 -6.34 -12.74 -1.40
C VAL A 418 -5.06 -13.49 -1.13
N HIS A 419 -5.21 -14.70 -0.58
CA HIS A 419 -4.08 -15.52 -0.24
C HIS A 419 -3.91 -16.60 -1.33
N VAL A 420 -2.70 -16.80 -1.81
CA VAL A 420 -2.42 -17.74 -2.90
C VAL A 420 -1.22 -18.54 -2.44
N VAL A 421 -1.25 -19.85 -2.67
CA VAL A 421 -0.11 -20.68 -2.28
C VAL A 421 0.85 -20.94 -3.45
N ILE A 422 2.15 -20.84 -3.16
CA ILE A 422 3.18 -21.10 -4.16
C ILE A 422 4.23 -22.07 -3.62
N GLY A 434 9.08 -28.81 4.90
CA GLY A 434 8.66 -27.58 5.57
C GLY A 434 7.33 -27.06 4.98
N ASP A 435 6.92 -25.85 5.36
CA ASP A 435 5.54 -25.38 5.07
C ASP A 435 5.35 -24.93 3.63
N GLU A 436 4.09 -24.81 3.21
CA GLU A 436 3.80 -24.09 1.96
C GLU A 436 4.11 -22.58 2.17
N LYS A 437 4.35 -21.86 1.08
CA LYS A 437 4.67 -20.44 1.15
C LYS A 437 3.47 -19.58 0.74
N SER A 438 3.23 -18.51 1.49
CA SER A 438 2.09 -17.59 1.17
C SER A 438 2.50 -16.55 0.13
N HIS A 439 1.60 -16.26 -0.81
CA HIS A 439 1.76 -15.16 -1.74
C HIS A 439 0.47 -14.32 -1.62
N TRP A 440 0.57 -13.01 -1.76
CA TRP A 440 -0.58 -12.11 -1.46
C TRP A 440 -0.87 -11.30 -2.70
N ILE A 441 -2.14 -11.22 -3.07
CA ILE A 441 -2.49 -10.37 -4.21
CA ILE A 441 -2.62 -10.53 -4.27
C ILE A 441 -3.65 -9.49 -3.81
N THR A 442 -3.80 -8.37 -4.51
CA THR A 442 -4.71 -7.32 -4.02
C THR A 442 -5.67 -6.99 -5.13
N GLN A 443 -6.98 -6.99 -4.81
CA GLN A 443 -7.99 -6.60 -5.78
C GLN A 443 -8.61 -5.30 -5.30
N LEU A 444 -8.75 -4.35 -6.21
CA LEU A 444 -9.22 -3.03 -5.80
C LEU A 444 -10.33 -2.55 -6.70
N TYR A 445 -11.28 -1.85 -6.11
CA TYR A 445 -12.49 -1.44 -6.85
C TYR A 445 -12.36 -0.02 -7.30
N ASP A 446 -12.64 0.22 -8.58
CA ASP A 446 -12.70 1.59 -9.10
C ASP A 446 -14.18 1.99 -9.35
N ASN A 447 -14.68 2.88 -8.51
CA ASN A 447 -16.05 3.42 -8.54
C ASN A 447 -16.44 4.00 -9.90
N LYS A 448 -15.46 4.60 -10.56
CA LYS A 448 -15.77 5.47 -11.69
C LYS A 448 -16.05 4.55 -12.88
N SER A 449 -15.14 3.64 -13.19
CA SER A 449 -15.36 2.72 -14.30
C SER A 449 -16.10 1.43 -13.87
N GLU A 450 -16.47 1.37 -12.58
CA GLU A 450 -17.05 0.15 -12.00
C GLU A 450 -16.31 -1.15 -12.30
N LYS A 451 -14.98 -1.16 -12.19
CA LYS A 451 -14.23 -2.36 -12.47
C LYS A 451 -13.43 -2.77 -11.24
N TRP A 452 -13.21 -4.08 -11.10
CA TRP A 452 -12.26 -4.62 -10.14
C TRP A 452 -10.95 -4.84 -10.85
N ILE A 453 -9.86 -4.37 -10.24
CA ILE A 453 -8.56 -4.59 -10.84
C ILE A 453 -7.76 -5.41 -9.85
N GLU A 454 -7.22 -6.54 -10.32
CA GLU A 454 -6.40 -7.40 -9.48
C GLU A 454 -4.93 -7.14 -9.75
N ILE A 455 -4.19 -6.82 -8.70
CA ILE A 455 -2.77 -6.49 -8.85
C ILE A 455 -1.98 -7.64 -8.26
N ASP A 456 -1.25 -8.34 -9.12
CA ASP A 456 -0.45 -9.52 -8.68
C ASP A 456 0.99 -9.25 -9.15
N GLY A 457 1.87 -8.81 -8.27
CA GLY A 457 3.21 -8.39 -8.74
C GLY A 457 3.04 -7.16 -9.62
N ILE A 458 3.67 -7.12 -10.80
CA ILE A 458 3.47 -5.95 -11.67
C ILE A 458 2.28 -6.11 -12.61
N ASN A 459 1.64 -7.29 -12.61
CA ASN A 459 0.48 -7.55 -13.49
C ASN A 459 -0.84 -7.05 -12.94
N THR A 460 -1.64 -6.46 -13.81
CA THR A 460 -2.99 -6.07 -13.46
C THR A 460 -3.98 -6.70 -14.44
N THR A 461 -5.09 -7.17 -13.91
CA THR A 461 -6.08 -7.90 -14.71
C THR A 461 -7.45 -7.48 -14.17
N GLU A 462 -8.41 -7.21 -15.04
CA GLU A 462 -9.78 -6.97 -14.58
C GLU A 462 -10.38 -8.29 -14.05
N ARG A 463 -11.22 -8.22 -13.01
CA ARG A 463 -11.93 -9.38 -12.49
C ARG A 463 -13.43 -9.06 -12.37
N GLU A 464 -14.26 -10.09 -12.48
CA GLU A 464 -15.69 -9.89 -12.30
CA GLU A 464 -15.71 -9.97 -12.29
C GLU A 464 -16.07 -9.88 -10.82
N ALA A 465 -16.85 -8.88 -10.44
CA ALA A 465 -17.27 -8.70 -9.05
C ALA A 465 -17.92 -9.95 -8.44
N GLU A 466 -18.76 -10.63 -9.21
CA GLU A 466 -19.57 -11.72 -8.61
C GLU A 466 -18.72 -12.94 -8.36
N LEU A 467 -17.53 -13.03 -8.97
CA LEU A 467 -16.67 -14.19 -8.80
CA LEU A 467 -16.68 -14.18 -8.80
C LEU A 467 -15.48 -13.95 -7.86
N LEU A 468 -15.37 -12.74 -7.30
CA LEU A 468 -14.19 -12.44 -6.44
C LEU A 468 -14.06 -13.45 -5.31
N PHE A 469 -15.19 -13.86 -4.73
CA PHE A 469 -15.14 -14.72 -3.55
C PHE A 469 -14.60 -16.08 -3.85
N LEU A 470 -14.42 -16.46 -5.12
CA LEU A 470 -13.85 -17.81 -5.34
C LEU A 470 -12.40 -17.98 -4.88
N LYS A 471 -11.65 -16.89 -4.75
CA LYS A 471 -10.28 -16.99 -4.22
C LYS A 471 -10.30 -16.83 -2.72
N GLU A 472 -9.19 -17.20 -2.07
CA GLU A 472 -9.19 -17.21 -0.62
C GLU A 472 -9.01 -15.80 -0.01
N THR A 473 -10.11 -15.17 0.38
CA THR A 473 -10.08 -13.84 0.96
C THR A 473 -9.42 -13.87 2.34
N PHE A 474 -8.55 -12.88 2.59
CA PHE A 474 -7.85 -12.80 3.89
C PHE A 474 -8.20 -11.47 4.59
N ILE A 475 -8.11 -10.35 3.87
CA ILE A 475 -8.51 -9.06 4.40
CA ILE A 475 -8.53 -9.07 4.41
C ILE A 475 -9.42 -8.34 3.42
N GLN A 476 -10.42 -7.65 3.92
CA GLN A 476 -11.29 -6.85 3.05
C GLN A 476 -11.49 -5.50 3.63
N VAL A 477 -11.72 -4.53 2.74
CA VAL A 477 -12.02 -3.18 3.21
C VAL A 477 -13.41 -2.86 2.66
N TRP A 478 -14.32 -2.51 3.56
CA TRP A 478 -15.72 -2.16 3.18
C TRP A 478 -15.92 -0.69 3.49
N GLU A 479 -16.68 0.01 2.63
CA GLU A 479 -16.86 1.43 2.81
C GLU A 479 -18.36 1.75 3.05
N LYS A 480 -18.61 2.54 4.06
CA LYS A 480 -19.98 2.78 4.52
C LYS A 480 -20.68 3.66 3.49
N GLN A 481 -21.92 3.31 3.16
CA GLN A 481 -22.70 4.08 2.18
C GLN A 481 -23.67 5.01 2.91
N GLU A 482 -23.89 6.19 2.34
CA GLU A 482 -25.05 7.01 2.71
C GLU A 482 -26.33 6.31 2.24
#